data_7G8O
#
_entry.id   7G8O
#
_cell.length_a   71.043
_cell.length_b   71.043
_cell.length_c   196.535
_cell.angle_alpha   90.000
_cell.angle_beta   90.000
_cell.angle_gamma   90.000
#
_symmetry.space_group_name_H-M   'P 43 21 2'
#
loop_
_entity.id
_entity.type
_entity.pdbx_description
1 polymer 'Transforming protein RhoA'
2 polymer 'Rho guanine nucleotide exchange factor 2'
3 non-polymer N-methyl-1H-indole-7-carboxamide
4 non-polymer 'DIMETHYL SULFOXIDE'
5 non-polymer 'FORMIC ACID'
6 water water
#
loop_
_entity_poly.entity_id
_entity_poly.type
_entity_poly.pdbx_seq_one_letter_code
_entity_poly.pdbx_strand_id
1 'polypeptide(L)'
;SMAAIRKKLVIVGDGACGKTCLLIVFSKDQFPEVYVPTVFENYVADIEVDGKQVELALWDTAGQEDYDRLRPLSYPDTDV
ILMCFSIDSPDSLENIPEKWTPEVKHFCPNVPIILVGNKKDLRNDEHTRRELAKMKQEPVKPEEGRDMANRIGAFGYMEC
SAKTKDGVREVFEMATRAALQARRG
;
A
2 'polypeptide(L)'
;SMEMDEKDFAADSWSLAVDSSFLQQHKKEVMKQQDVIYELIQTELHHVRTLKIMTRLFRTGMLEELHLEPGVVQGLFPCV
DELSDIHTRFLSQLLERRRQALCPGSTRNFVIHRLGDLLISQFSGPSAEQMCKTYSEFCSRHSKALKLYKELYARDKRFQ
QFIRKVTRPAVLKRHGVQECILLVTQRITKYPLLISRILQHSHGIEEERQDLTTALGLVKELLSNVDEGIYQLEKGARLQ
EIYNR
;
B
#
# COMPACT_ATOMS: atom_id res chain seq x y z
N ALA A 4 16.89 -6.42 17.86
CA ALA A 4 16.66 -6.69 16.44
C ALA A 4 16.97 -5.47 15.59
N ILE A 5 17.52 -5.71 14.41
CA ILE A 5 17.86 -4.65 13.47
C ILE A 5 16.69 -4.51 12.48
N ARG A 6 16.40 -3.28 12.05
CA ARG A 6 15.30 -3.02 11.15
C ARG A 6 15.80 -3.01 9.69
N LYS A 7 15.15 -3.76 8.81
CA LYS A 7 15.45 -3.79 7.39
C LYS A 7 14.14 -3.53 6.61
N LYS A 8 14.26 -3.05 5.36
CA LYS A 8 13.10 -2.73 4.54
C LYS A 8 13.17 -3.52 3.24
N LEU A 9 12.04 -4.15 2.87
CA LEU A 9 11.91 -4.96 1.66
C LEU A 9 10.82 -4.34 0.78
N VAL A 10 11.04 -4.24 -0.53
CA VAL A 10 10.03 -3.77 -1.44
C VAL A 10 9.88 -4.82 -2.55
N ILE A 11 8.64 -5.16 -2.95
CA ILE A 11 8.43 -6.10 -4.04
CA ILE A 11 8.41 -6.11 -4.04
C ILE A 11 7.97 -5.35 -5.29
N VAL A 12 8.62 -5.64 -6.42
CA VAL A 12 8.31 -4.98 -7.69
CA VAL A 12 8.41 -4.98 -7.70
C VAL A 12 7.96 -6.06 -8.73
N GLY A 13 7.30 -5.64 -9.80
CA GLY A 13 6.86 -6.54 -10.85
C GLY A 13 5.56 -6.09 -11.49
N ASP A 14 5.18 -6.73 -12.60
CA ASP A 14 3.95 -6.39 -13.31
C ASP A 14 2.69 -6.65 -12.46
N GLY A 15 1.59 -6.00 -12.85
CA GLY A 15 0.32 -6.12 -12.17
C GLY A 15 -0.18 -7.54 -11.95
N ALA A 16 0.07 -8.46 -12.89
CA ALA A 16 -0.43 -9.84 -12.72
C ALA A 16 0.64 -10.82 -12.18
N CYS A 17 1.70 -10.31 -11.57
CA CYS A 17 2.80 -11.17 -11.13
C CYS A 17 2.56 -11.90 -9.81
N GLY A 18 1.52 -11.53 -9.06
CA GLY A 18 1.21 -12.17 -7.78
C GLY A 18 1.92 -11.61 -6.56
N LYS A 19 2.55 -10.40 -6.68
CA LYS A 19 3.28 -9.82 -5.55
CA LYS A 19 3.28 -9.82 -5.55
C LYS A 19 2.40 -9.55 -4.32
N THR A 20 1.15 -9.06 -4.54
CA THR A 20 0.28 -8.76 -3.40
C THR A 20 -0.06 -10.03 -2.64
N CYS A 21 -0.44 -11.08 -3.38
CA CYS A 21 -0.78 -12.36 -2.77
CA CYS A 21 -0.79 -12.34 -2.75
C CYS A 21 0.37 -12.95 -2.00
N LEU A 22 1.58 -12.81 -2.54
CA LEU A 22 2.78 -13.33 -1.88
C LEU A 22 3.00 -12.65 -0.49
N LEU A 23 2.88 -11.31 -0.42
CA LEU A 23 3.02 -10.57 0.85
C LEU A 23 1.92 -10.98 1.86
N ILE A 24 0.67 -11.12 1.38
CA ILE A 24 -0.46 -11.49 2.25
C ILE A 24 -0.22 -12.88 2.87
N VAL A 25 0.08 -13.87 2.02
CA VAL A 25 0.29 -15.25 2.51
C VAL A 25 1.46 -15.32 3.49
N PHE A 26 2.55 -14.59 3.24
CA PHE A 26 3.70 -14.65 4.15
C PHE A 26 3.34 -13.99 5.48
N SER A 27 2.70 -12.79 5.43
CA SER A 27 2.37 -12.05 6.65
C SER A 27 1.35 -12.72 7.54
N LYS A 28 0.46 -13.53 6.96
CA LYS A 28 -0.52 -14.27 7.76
C LYS A 28 -0.09 -15.73 8.02
N ASP A 29 0.97 -16.23 7.32
CA ASP A 29 1.42 -17.64 7.34
C ASP A 29 0.25 -18.55 6.92
N GLN A 30 -0.56 -18.11 5.93
CA GLN A 30 -1.74 -18.88 5.53
C GLN A 30 -2.32 -18.33 4.23
N PHE A 31 -2.87 -19.21 3.36
CA PHE A 31 -3.58 -18.71 2.18
C PHE A 31 -5.01 -18.50 2.72
N PRO A 32 -5.49 -17.23 2.78
CA PRO A 32 -6.83 -16.98 3.36
C PRO A 32 -7.95 -17.88 2.84
N GLU A 33 -8.68 -18.52 3.75
CA GLU A 33 -9.74 -19.44 3.37
C GLU A 33 -11.07 -18.79 3.08
N VAL A 34 -11.31 -17.57 3.58
CA VAL A 34 -12.61 -16.93 3.40
C VAL A 34 -12.54 -15.75 2.42
N TYR A 35 -11.56 -14.88 2.59
CA TYR A 35 -11.43 -13.72 1.71
C TYR A 35 -9.98 -13.39 1.43
N VAL A 36 -9.62 -13.23 0.15
CA VAL A 36 -8.26 -12.86 -0.20
C VAL A 36 -8.24 -11.34 -0.42
N PRO A 37 -7.58 -10.59 0.47
CA PRO A 37 -7.58 -9.12 0.32
C PRO A 37 -7.16 -8.61 -1.06
N THR A 38 -7.76 -7.50 -1.48
CA THR A 38 -7.42 -6.86 -2.73
C THR A 38 -6.08 -6.11 -2.61
N VAL A 39 -5.84 -5.49 -1.44
CA VAL A 39 -4.63 -4.69 -1.26
C VAL A 39 -3.83 -5.11 0.00
N PHE A 40 -2.56 -4.62 0.06
CA PHE A 40 -1.69 -4.90 1.19
C PHE A 40 -1.19 -3.52 1.66
N GLU A 41 -1.38 -3.17 2.95
CA GLU A 41 -0.95 -1.86 3.44
C GLU A 41 0.60 -1.89 3.70
N ASN A 42 1.01 -2.53 4.81
CA ASN A 42 2.42 -2.80 5.11
C ASN A 42 2.42 -3.85 6.26
N TYR A 43 3.59 -4.31 6.65
CA TYR A 43 3.69 -5.28 7.75
C TYR A 43 5.14 -5.27 8.21
N VAL A 44 5.39 -5.62 9.46
CA VAL A 44 6.75 -5.70 9.97
C VAL A 44 6.88 -7.11 10.53
N ALA A 45 7.60 -7.99 9.79
CA ALA A 45 7.76 -9.38 10.18
C ALA A 45 8.91 -9.58 11.17
N ASP A 46 8.71 -10.43 12.19
CA ASP A 46 9.79 -10.77 13.11
C ASP A 46 10.39 -12.05 12.50
N ILE A 47 11.63 -11.96 12.03
CA ILE A 47 12.30 -13.08 11.36
CA ILE A 47 12.27 -13.11 11.43
C ILE A 47 13.64 -13.36 12.04
N GLU A 48 13.96 -14.64 12.30
CA GLU A 48 15.27 -14.99 12.83
CA GLU A 48 15.26 -15.00 12.83
C GLU A 48 15.92 -15.87 11.79
N VAL A 49 17.02 -15.39 11.18
CA VAL A 49 17.68 -16.18 10.14
C VAL A 49 19.14 -16.34 10.48
N ASP A 50 19.62 -17.60 10.53
CA ASP A 50 21.00 -17.93 10.84
C ASP A 50 21.46 -17.29 12.15
N GLY A 51 20.58 -17.30 13.14
CA GLY A 51 20.89 -16.77 14.46
C GLY A 51 20.69 -15.28 14.64
N LYS A 52 20.34 -14.53 13.56
CA LYS A 52 20.18 -13.08 13.68
C LYS A 52 18.71 -12.67 13.67
N GLN A 53 18.29 -11.82 14.63
CA GLN A 53 16.91 -11.34 14.71
CA GLN A 53 16.91 -11.35 14.72
C GLN A 53 16.74 -10.05 13.92
N VAL A 54 15.78 -10.04 13.00
CA VAL A 54 15.52 -8.85 12.18
C VAL A 54 14.03 -8.47 12.21
N GLU A 55 13.74 -7.16 12.19
CA GLU A 55 12.38 -6.68 12.00
C GLU A 55 12.37 -6.30 10.51
N LEU A 56 11.65 -7.04 9.69
CA LEU A 56 11.63 -6.80 8.24
C LEU A 56 10.34 -6.12 7.82
N ALA A 57 10.41 -4.84 7.46
CA ALA A 57 9.27 -4.07 6.96
C ALA A 57 8.97 -4.46 5.53
N LEU A 58 7.71 -4.78 5.22
CA LEU A 58 7.30 -5.25 3.87
C LEU A 58 6.41 -4.23 3.16
N TRP A 59 6.74 -3.95 1.89
CA TRP A 59 6.01 -2.99 1.07
C TRP A 59 5.71 -3.54 -0.32
N ASP A 60 4.52 -3.21 -0.84
CA ASP A 60 4.03 -3.59 -2.16
C ASP A 60 4.06 -2.31 -3.05
N THR A 61 4.25 -2.49 -4.34
CA THR A 61 4.18 -1.39 -5.32
C THR A 61 2.92 -1.55 -6.21
N ALA A 62 2.01 -2.50 -5.90
CA ALA A 62 0.79 -2.70 -6.69
C ALA A 62 -0.04 -1.40 -6.69
N GLY A 63 -0.53 -1.04 -7.87
CA GLY A 63 -1.27 0.18 -8.07
C GLY A 63 -0.40 1.32 -8.58
N GLN A 64 0.95 1.22 -8.40
CA GLN A 64 1.86 2.31 -8.82
C GLN A 64 2.50 2.10 -10.22
N GLU A 65 2.16 0.99 -10.88
CA GLU A 65 2.75 0.63 -12.18
C GLU A 65 2.65 1.70 -13.27
N ASP A 66 1.55 2.46 -13.32
CA ASP A 66 1.39 3.49 -14.38
C ASP A 66 1.81 4.91 -13.95
N TYR A 67 2.33 5.07 -12.74
CA TYR A 67 2.64 6.40 -12.19
C TYR A 67 4.11 6.51 -11.89
N ASP A 68 4.88 6.96 -12.90
CA ASP A 68 6.34 7.01 -12.85
C ASP A 68 6.95 7.98 -11.82
N ARG A 69 6.20 8.96 -11.37
CA ARG A 69 6.71 9.88 -10.34
C ARG A 69 6.23 9.49 -8.94
N LEU A 70 5.09 8.78 -8.81
CA LEU A 70 4.65 8.32 -7.49
C LEU A 70 5.43 7.06 -7.08
N ARG A 71 5.59 6.10 -8.02
CA ARG A 71 6.20 4.80 -7.75
C ARG A 71 7.60 4.87 -7.09
N PRO A 72 8.52 5.72 -7.56
CA PRO A 72 9.85 5.77 -6.92
C PRO A 72 9.84 6.17 -5.45
N LEU A 73 8.72 6.79 -4.97
CA LEU A 73 8.62 7.16 -3.55
C LEU A 73 8.59 5.95 -2.61
N SER A 74 8.33 4.74 -3.15
CA SER A 74 8.39 3.51 -2.39
C SER A 74 9.85 3.05 -2.14
N TYR A 75 10.83 3.51 -2.96
CA TYR A 75 12.20 3.01 -2.90
C TYR A 75 13.16 3.55 -1.81
N PRO A 76 13.06 4.79 -1.26
CA PRO A 76 14.09 5.23 -0.30
C PRO A 76 14.43 4.25 0.83
N ASP A 77 15.75 4.05 1.04
CA ASP A 77 16.33 3.21 2.08
C ASP A 77 15.89 1.77 2.03
N THR A 78 15.61 1.25 0.81
CA THR A 78 15.30 -0.15 0.67
C THR A 78 16.59 -0.99 0.91
N ASP A 79 16.49 -2.11 1.66
CA ASP A 79 17.61 -3.01 1.93
C ASP A 79 17.62 -4.26 1.02
N VAL A 80 16.46 -4.69 0.53
CA VAL A 80 16.37 -5.84 -0.38
C VAL A 80 15.16 -5.65 -1.29
N ILE A 81 15.33 -5.99 -2.58
CA ILE A 81 14.26 -5.97 -3.56
C ILE A 81 13.85 -7.38 -3.94
N LEU A 82 12.55 -7.68 -3.93
CA LEU A 82 12.05 -8.92 -4.52
C LEU A 82 11.49 -8.48 -5.90
N MET A 83 12.04 -9.04 -6.98
CA MET A 83 11.60 -8.68 -8.32
CA MET A 83 11.63 -8.70 -8.34
C MET A 83 10.83 -9.88 -8.83
N CYS A 84 9.53 -9.71 -8.98
CA CYS A 84 8.64 -10.79 -9.27
CA CYS A 84 8.62 -10.80 -9.30
C CYS A 84 8.14 -10.85 -10.73
N PHE A 85 7.87 -12.08 -11.18
CA PHE A 85 7.23 -12.39 -12.45
C PHE A 85 6.35 -13.63 -12.15
N SER A 86 5.39 -13.92 -13.04
CA SER A 86 4.57 -15.09 -12.85
C SER A 86 5.02 -16.18 -13.83
N ILE A 87 5.15 -17.41 -13.34
CA ILE A 87 5.55 -18.55 -14.16
C ILE A 87 4.48 -18.86 -15.24
N ASP A 88 3.20 -18.50 -14.99
CA ASP A 88 2.13 -18.65 -16.01
C ASP A 88 2.12 -17.49 -17.04
N SER A 89 3.09 -16.58 -16.96
CA SER A 89 3.12 -15.43 -17.85
C SER A 89 4.52 -15.13 -18.36
N PRO A 90 4.94 -15.80 -19.44
CA PRO A 90 6.26 -15.48 -20.03
C PRO A 90 6.41 -13.99 -20.38
N ASP A 91 5.30 -13.26 -20.60
CA ASP A 91 5.30 -11.82 -20.89
C ASP A 91 5.81 -11.03 -19.67
N SER A 92 5.42 -11.44 -18.45
CA SER A 92 5.91 -10.75 -17.24
C SER A 92 7.45 -10.94 -17.09
N LEU A 93 7.99 -12.08 -17.55
CA LEU A 93 9.44 -12.32 -17.46
C LEU A 93 10.20 -11.42 -18.45
N GLU A 94 9.62 -11.21 -19.64
CA GLU A 94 10.17 -10.36 -20.70
C GLU A 94 10.32 -8.87 -20.26
N ASN A 95 9.41 -8.36 -19.44
CA ASN A 95 9.48 -6.98 -18.97
C ASN A 95 10.50 -6.76 -17.83
N ILE A 96 11.12 -7.84 -17.31
CA ILE A 96 12.08 -7.71 -16.24
C ILE A 96 13.35 -6.95 -16.66
N PRO A 97 14.07 -7.36 -17.74
CA PRO A 97 15.40 -6.77 -17.97
C PRO A 97 15.48 -5.31 -18.45
N GLU A 98 14.49 -4.83 -19.20
CA GLU A 98 14.61 -3.47 -19.74
C GLU A 98 13.56 -2.49 -19.20
N LYS A 99 12.67 -2.92 -18.28
CA LYS A 99 11.75 -2.01 -17.64
C LYS A 99 12.06 -1.97 -16.12
N TRP A 100 11.78 -3.07 -15.39
CA TRP A 100 11.97 -3.10 -13.96
C TRP A 100 13.43 -3.03 -13.49
N THR A 101 14.35 -3.73 -14.18
CA THR A 101 15.74 -3.76 -13.75
C THR A 101 16.44 -2.37 -13.79
N PRO A 102 16.42 -1.61 -14.91
CA PRO A 102 17.09 -0.28 -14.89
C PRO A 102 16.48 0.67 -13.86
N GLU A 103 15.18 0.55 -13.58
CA GLU A 103 14.52 1.40 -12.58
C GLU A 103 15.06 1.10 -11.17
N VAL A 104 15.09 -0.19 -10.80
CA VAL A 104 15.59 -0.59 -9.49
C VAL A 104 17.07 -0.25 -9.35
N LYS A 105 17.87 -0.43 -10.44
CA LYS A 105 19.29 -0.11 -10.32
C LYS A 105 19.54 1.39 -10.15
N HIS A 106 18.67 2.23 -10.70
CA HIS A 106 18.81 3.68 -10.59
C HIS A 106 18.49 4.19 -9.18
N PHE A 107 17.30 3.80 -8.64
CA PHE A 107 16.78 4.28 -7.35
C PHE A 107 17.33 3.49 -6.14
N CYS A 108 17.84 2.25 -6.37
CA CYS A 108 18.34 1.37 -5.31
C CYS A 108 19.74 0.84 -5.69
N PRO A 109 20.71 1.74 -5.87
CA PRO A 109 22.04 1.28 -6.27
C PRO A 109 22.64 0.38 -5.21
N ASN A 110 23.24 -0.72 -5.65
CA ASN A 110 23.91 -1.67 -4.78
C ASN A 110 22.97 -2.44 -3.83
N VAL A 111 21.65 -2.40 -4.08
CA VAL A 111 20.72 -3.13 -3.23
C VAL A 111 20.57 -4.52 -3.83
N PRO A 112 20.69 -5.61 -3.07
CA PRO A 112 20.50 -6.96 -3.68
C PRO A 112 19.09 -7.15 -4.21
N ILE A 113 18.98 -7.77 -5.39
CA ILE A 113 17.71 -8.10 -6.02
C ILE A 113 17.55 -9.60 -6.04
N ILE A 114 16.41 -10.12 -5.59
CA ILE A 114 16.15 -11.55 -5.71
C ILE A 114 15.06 -11.68 -6.76
N LEU A 115 15.32 -12.43 -7.86
CA LEU A 115 14.32 -12.65 -8.90
C LEU A 115 13.47 -13.83 -8.42
N VAL A 116 12.16 -13.63 -8.32
CA VAL A 116 11.25 -14.64 -7.81
C VAL A 116 10.22 -15.04 -8.84
N GLY A 117 10.15 -16.33 -9.14
CA GLY A 117 9.12 -16.83 -10.04
C GLY A 117 7.94 -17.26 -9.18
N ASN A 118 6.81 -16.52 -9.27
CA ASN A 118 5.59 -16.81 -8.51
CA ASN A 118 5.63 -16.88 -8.47
C ASN A 118 4.66 -17.79 -9.25
N LYS A 119 3.65 -18.34 -8.55
CA LYS A 119 2.66 -19.23 -9.16
C LYS A 119 3.28 -20.47 -9.77
N LYS A 120 4.29 -21.02 -9.10
CA LYS A 120 4.98 -22.21 -9.65
C LYS A 120 4.05 -23.42 -9.79
N ASP A 121 2.92 -23.44 -9.05
CA ASP A 121 1.92 -24.50 -9.12
C ASP A 121 1.23 -24.54 -10.51
N LEU A 122 1.31 -23.46 -11.29
CA LEU A 122 0.66 -23.43 -12.63
C LEU A 122 1.56 -24.02 -13.77
N ARG A 123 2.81 -24.37 -13.45
CA ARG A 123 3.73 -24.95 -14.43
C ARG A 123 3.23 -26.31 -14.95
N ASN A 124 2.48 -27.05 -14.12
CA ASN A 124 1.92 -28.34 -14.52
C ASN A 124 0.38 -28.33 -14.44
N ASP A 125 -0.23 -27.17 -14.74
CA ASP A 125 -1.68 -26.97 -14.75
C ASP A 125 -2.15 -27.06 -16.21
N GLU A 126 -3.06 -28.01 -16.53
CA GLU A 126 -3.50 -28.22 -17.90
C GLU A 126 -4.22 -27.01 -18.49
N HIS A 127 -5.03 -26.32 -17.70
CA HIS A 127 -5.72 -25.12 -18.19
C HIS A 127 -4.72 -24.04 -18.61
N THR A 128 -3.68 -23.82 -17.80
CA THR A 128 -2.65 -22.84 -18.10
C THR A 128 -1.92 -23.23 -19.38
N ARG A 129 -1.50 -24.49 -19.50
CA ARG A 129 -0.81 -24.96 -20.70
C ARG A 129 -1.65 -24.80 -21.97
N ARG A 130 -2.97 -24.99 -21.86
CA ARG A 130 -3.86 -24.83 -23.01
C ARG A 130 -4.03 -23.35 -23.39
N GLU A 131 -4.25 -22.47 -22.40
CA GLU A 131 -4.39 -21.04 -22.69
C GLU A 131 -3.13 -20.46 -23.33
N LEU A 132 -1.94 -20.84 -22.81
CA LEU A 132 -0.67 -20.35 -23.34
C LEU A 132 -0.35 -20.87 -24.74
N ALA A 133 -0.72 -22.12 -25.05
CA ALA A 133 -0.50 -22.73 -26.37
C ALA A 133 -1.21 -21.97 -27.51
N LYS A 134 -2.32 -21.27 -27.20
CA LYS A 134 -3.05 -20.46 -28.17
C LYS A 134 -2.25 -19.21 -28.62
N MET A 135 -1.34 -18.72 -27.76
CA MET A 135 -0.47 -17.59 -28.12
C MET A 135 0.97 -18.04 -28.38
N LYS A 136 1.17 -19.31 -28.79
CA LYS A 136 2.48 -19.91 -29.08
C LYS A 136 3.42 -19.78 -27.88
N GLN A 137 2.91 -20.06 -26.66
CA GLN A 137 3.67 -19.94 -25.42
C GLN A 137 3.59 -21.20 -24.52
N GLU A 138 4.40 -21.23 -23.46
CA GLU A 138 4.40 -22.28 -22.46
C GLU A 138 4.82 -21.71 -21.10
N PRO A 139 4.48 -22.35 -19.95
CA PRO A 139 4.91 -21.78 -18.66
C PRO A 139 6.43 -21.60 -18.62
N VAL A 140 6.90 -20.58 -17.88
CA VAL A 140 8.34 -20.32 -17.76
C VAL A 140 9.07 -21.55 -17.20
N LYS A 141 10.15 -21.94 -17.85
CA LYS A 141 10.98 -23.08 -17.44
C LYS A 141 11.94 -22.64 -16.31
N PRO A 142 12.30 -23.53 -15.39
CA PRO A 142 13.24 -23.14 -14.32
C PRO A 142 14.56 -22.54 -14.86
N GLU A 143 15.10 -23.09 -15.97
CA GLU A 143 16.34 -22.56 -16.53
C GLU A 143 16.17 -21.17 -17.13
N GLU A 144 14.97 -20.85 -17.64
CA GLU A 144 14.69 -19.52 -18.17
C GLU A 144 14.68 -18.48 -17.04
N GLY A 145 14.18 -18.86 -15.88
CA GLY A 145 14.16 -17.97 -14.73
C GLY A 145 15.58 -17.72 -14.23
N ARG A 146 16.38 -18.81 -14.09
CA ARG A 146 17.76 -18.71 -13.62
C ARG A 146 18.59 -17.85 -14.56
N ASP A 147 18.46 -18.06 -15.89
CA ASP A 147 19.23 -17.27 -16.87
C ASP A 147 18.89 -15.80 -16.81
N MET A 148 17.62 -15.47 -16.57
CA MET A 148 17.22 -14.06 -16.48
C MET A 148 17.84 -13.45 -15.21
N ALA A 149 17.79 -14.19 -14.10
CA ALA A 149 18.37 -13.70 -12.85
C ALA A 149 19.89 -13.49 -13.01
N ASN A 150 20.56 -14.41 -13.69
CA ASN A 150 22.00 -14.33 -13.96
C ASN A 150 22.27 -13.05 -14.79
N ARG A 151 21.53 -12.89 -15.90
CA ARG A 151 21.63 -11.74 -16.81
C ARG A 151 21.48 -10.37 -16.11
N ILE A 152 20.46 -10.21 -15.24
CA ILE A 152 20.21 -8.92 -14.61
C ILE A 152 21.10 -8.63 -13.38
N GLY A 153 22.00 -9.54 -13.01
CA GLY A 153 22.86 -9.32 -11.85
C GLY A 153 22.13 -9.53 -10.53
N ALA A 154 21.12 -10.42 -10.53
CA ALA A 154 20.39 -10.71 -9.30
C ALA A 154 21.30 -11.46 -8.31
N PHE A 155 21.10 -11.19 -7.02
CA PHE A 155 21.73 -11.91 -5.91
C PHE A 155 21.40 -13.41 -6.02
N GLY A 156 20.18 -13.74 -6.44
CA GLY A 156 19.77 -15.12 -6.59
C GLY A 156 18.42 -15.28 -7.26
N TYR A 157 18.05 -16.54 -7.56
CA TYR A 157 16.79 -16.92 -8.21
C TYR A 157 16.05 -17.90 -7.30
N MET A 158 14.75 -17.66 -7.10
CA MET A 158 13.92 -18.51 -6.25
C MET A 158 12.53 -18.66 -6.85
N GLU A 159 11.81 -19.74 -6.52
CA GLU A 159 10.44 -19.95 -6.99
C GLU A 159 9.52 -20.21 -5.78
N CYS A 160 8.25 -19.86 -5.93
CA CYS A 160 7.30 -20.12 -4.83
C CYS A 160 5.88 -20.20 -5.37
N SER A 161 4.96 -20.66 -4.51
CA SER A 161 3.54 -20.72 -4.80
C SER A 161 2.79 -20.12 -3.61
N ALA A 162 2.20 -18.93 -3.75
CA ALA A 162 1.40 -18.35 -2.66
C ALA A 162 0.20 -19.27 -2.34
N LYS A 163 -0.38 -19.90 -3.36
CA LYS A 163 -1.52 -20.81 -3.23
C LYS A 163 -1.26 -21.97 -2.27
N THR A 164 -0.14 -22.67 -2.42
CA THR A 164 0.18 -23.81 -1.54
C THR A 164 1.15 -23.47 -0.40
N LYS A 165 1.71 -22.24 -0.40
CA LYS A 165 2.72 -21.75 0.54
C LYS A 165 4.13 -22.33 0.27
N ASP A 166 4.28 -23.29 -0.67
CA ASP A 166 5.60 -23.87 -0.93
C ASP A 166 6.61 -22.82 -1.37
N GLY A 167 7.72 -22.76 -0.65
CA GLY A 167 8.79 -21.84 -0.99
C GLY A 167 8.66 -20.44 -0.45
N VAL A 168 7.50 -20.09 0.10
CA VAL A 168 7.25 -18.74 0.59
C VAL A 168 8.14 -18.37 1.75
N ARG A 169 8.18 -19.19 2.81
CA ARG A 169 9.05 -18.86 3.94
C ARG A 169 10.53 -18.71 3.52
N GLU A 170 11.02 -19.63 2.66
CA GLU A 170 12.40 -19.63 2.20
C GLU A 170 12.75 -18.31 1.46
N VAL A 171 11.79 -17.75 0.68
CA VAL A 171 12.02 -16.49 -0.04
C VAL A 171 12.31 -15.37 0.95
N PHE A 172 11.43 -15.22 1.98
CA PHE A 172 11.61 -14.13 2.94
C PHE A 172 12.83 -14.35 3.87
N GLU A 173 13.15 -15.60 4.21
CA GLU A 173 14.36 -15.84 5.02
C GLU A 173 15.63 -15.47 4.20
N MET A 174 15.66 -15.82 2.90
CA MET A 174 16.80 -15.49 2.05
C MET A 174 16.86 -13.95 1.82
N ALA A 175 15.70 -13.29 1.65
CA ALA A 175 15.64 -11.84 1.51
C ALA A 175 16.24 -11.15 2.76
N THR A 176 16.01 -11.74 3.94
CA THR A 176 16.54 -11.20 5.19
C THR A 176 18.05 -11.32 5.19
N ARG A 177 18.56 -12.49 4.83
CA ARG A 177 20.02 -12.71 4.72
C ARG A 177 20.64 -11.71 3.72
N ALA A 178 19.99 -11.49 2.56
CA ALA A 178 20.51 -10.54 1.57
C ALA A 178 20.57 -9.14 2.15
N ALA A 179 19.50 -8.72 2.88
CA ALA A 179 19.43 -7.41 3.51
C ALA A 179 20.51 -7.19 4.57
N LEU A 180 20.97 -8.26 5.22
CA LEU A 180 22.00 -8.19 6.27
C LEU A 180 23.44 -8.07 5.73
N GLN A 181 23.69 -8.47 4.46
CA GLN A 181 25.05 -8.43 3.89
C GLN A 181 25.58 -7.02 3.72
N SER B 1 -8.50 5.34 16.12
CA SER B 1 -9.90 5.01 15.80
CA SER B 1 -9.91 5.06 15.80
C SER B 1 -10.74 4.88 17.07
N MET B 2 -12.06 5.06 16.94
CA MET B 2 -12.97 4.89 18.05
C MET B 2 -13.45 3.47 18.12
N GLU B 3 -13.68 2.97 19.36
CA GLU B 3 -14.03 1.59 19.61
C GLU B 3 -15.21 1.06 18.78
N MET B 4 -16.28 1.89 18.61
CA MET B 4 -17.45 1.48 17.84
CA MET B 4 -17.46 1.53 17.83
C MET B 4 -17.08 1.07 16.41
N ASP B 5 -16.27 1.89 15.73
CA ASP B 5 -15.85 1.60 14.35
C ASP B 5 -14.84 0.48 14.27
N GLU B 6 -13.95 0.39 15.27
CA GLU B 6 -12.95 -0.70 15.31
C GLU B 6 -13.67 -2.04 15.42
N LYS B 7 -14.70 -2.11 16.28
CA LYS B 7 -15.41 -3.38 16.45
C LYS B 7 -16.21 -3.74 15.21
N ASP B 8 -16.82 -2.72 14.56
CA ASP B 8 -17.60 -2.95 13.32
C ASP B 8 -16.73 -3.48 12.18
N PHE B 9 -15.44 -3.14 12.19
CA PHE B 9 -14.46 -3.56 11.16
C PHE B 9 -13.36 -4.48 11.72
N ALA B 10 -13.65 -5.21 12.80
CA ALA B 10 -12.69 -6.14 13.38
C ALA B 10 -12.54 -7.42 12.54
N ALA B 11 -13.64 -7.94 11.94
CA ALA B 11 -13.57 -9.20 11.18
C ALA B 11 -12.74 -9.09 9.90
N ASP B 12 -12.19 -10.22 9.42
CA ASP B 12 -11.39 -10.22 8.20
C ASP B 12 -12.21 -9.95 6.93
N SER B 13 -13.54 -10.10 6.99
CA SER B 13 -14.38 -9.86 5.83
C SER B 13 -15.82 -9.46 6.25
N TRP B 14 -16.62 -9.00 5.29
CA TRP B 14 -18.03 -8.69 5.52
C TRP B 14 -18.76 -10.01 5.89
N SER B 15 -18.42 -11.13 5.21
CA SER B 15 -19.07 -12.42 5.47
CA SER B 15 -19.04 -12.43 5.46
C SER B 15 -18.84 -12.92 6.88
N LEU B 16 -17.73 -12.50 7.53
CA LEU B 16 -17.44 -12.88 8.92
C LEU B 16 -17.94 -11.79 9.92
N ALA B 17 -18.20 -10.54 9.42
CA ALA B 17 -18.71 -9.44 10.25
C ALA B 17 -20.21 -9.60 10.53
N VAL B 18 -21.02 -9.96 9.52
CA VAL B 18 -22.47 -10.07 9.71
C VAL B 18 -22.85 -11.40 10.42
N ASP B 19 -24.07 -11.50 10.97
CA ASP B 19 -24.51 -12.76 11.59
C ASP B 19 -24.62 -13.84 10.49
N SER B 20 -24.35 -15.12 10.81
CA SER B 20 -24.43 -16.18 9.79
C SER B 20 -25.84 -16.36 9.25
N SER B 21 -26.87 -16.13 10.08
CA SER B 21 -28.25 -16.23 9.61
C SER B 21 -28.58 -15.13 8.60
N PHE B 22 -27.88 -13.97 8.66
CA PHE B 22 -28.08 -12.89 7.70
C PHE B 22 -27.28 -13.21 6.42
N LEU B 23 -26.04 -13.72 6.55
CA LEU B 23 -25.23 -14.08 5.38
C LEU B 23 -25.96 -15.11 4.49
N GLN B 24 -26.59 -16.09 5.13
CA GLN B 24 -27.33 -17.16 4.44
C GLN B 24 -28.48 -16.66 3.57
N GLN B 25 -28.96 -15.44 3.80
CA GLN B 25 -30.06 -14.89 3.00
C GLN B 25 -29.62 -14.25 1.68
N HIS B 26 -28.30 -14.17 1.41
CA HIS B 26 -27.82 -13.50 0.20
C HIS B 26 -27.15 -14.42 -0.79
N LYS B 27 -27.21 -14.06 -2.05
CA LYS B 27 -26.55 -14.80 -3.11
C LYS B 27 -25.04 -14.58 -3.03
N LYS B 28 -24.27 -15.52 -3.60
CA LYS B 28 -22.80 -15.48 -3.63
C LYS B 28 -22.28 -14.16 -4.20
N GLU B 29 -22.86 -13.68 -5.31
CA GLU B 29 -22.36 -12.46 -5.94
C GLU B 29 -22.46 -11.23 -5.04
N VAL B 30 -23.54 -11.15 -4.24
CA VAL B 30 -23.77 -10.05 -3.30
C VAL B 30 -22.72 -10.14 -2.20
N MET B 31 -22.46 -11.33 -1.67
CA MET B 31 -21.42 -11.53 -0.67
C MET B 31 -20.02 -11.07 -1.22
N LYS B 32 -19.69 -11.44 -2.48
CA LYS B 32 -18.40 -11.04 -3.06
C LYS B 32 -18.33 -9.51 -3.17
N GLN B 33 -19.41 -8.87 -3.67
CA GLN B 33 -19.47 -7.40 -3.74
C GLN B 33 -19.26 -6.78 -2.32
N GLN B 34 -20.01 -7.27 -1.32
CA GLN B 34 -19.93 -6.69 0.03
C GLN B 34 -18.58 -6.90 0.71
N ASP B 35 -17.93 -8.02 0.45
CA ASP B 35 -16.58 -8.27 1.01
C ASP B 35 -15.56 -7.16 0.52
N VAL B 36 -15.65 -6.75 -0.75
CA VAL B 36 -14.71 -5.72 -1.28
C VAL B 36 -15.06 -4.33 -0.79
N ILE B 37 -16.38 -4.02 -0.68
CA ILE B 37 -16.81 -2.72 -0.13
C ILE B 37 -16.35 -2.63 1.32
N TYR B 38 -16.51 -3.72 2.08
CA TYR B 38 -16.03 -3.76 3.47
C TYR B 38 -14.49 -3.50 3.52
N GLU B 39 -13.73 -4.12 2.62
CA GLU B 39 -12.27 -3.89 2.59
C GLU B 39 -11.96 -2.40 2.31
N LEU B 40 -12.68 -1.76 1.37
CA LEU B 40 -12.46 -0.33 1.08
C LEU B 40 -12.69 0.53 2.37
N ILE B 41 -13.81 0.25 3.08
CA ILE B 41 -14.11 1.06 4.27
C ILE B 41 -13.12 0.74 5.38
N GLN B 42 -12.83 -0.55 5.60
CA GLN B 42 -11.87 -0.96 6.64
C GLN B 42 -10.49 -0.29 6.41
N THR B 43 -9.96 -0.32 5.16
CA THR B 43 -8.67 0.32 4.87
C THR B 43 -8.76 1.86 4.96
N GLU B 44 -9.95 2.44 4.68
CA GLU B 44 -10.10 3.90 4.85
C GLU B 44 -10.07 4.23 6.35
N LEU B 45 -10.72 3.39 7.20
CA LEU B 45 -10.67 3.59 8.66
C LEU B 45 -9.21 3.56 9.16
N HIS B 46 -8.39 2.59 8.66
CA HIS B 46 -6.97 2.50 9.04
C HIS B 46 -6.13 3.70 8.52
N HIS B 47 -6.47 4.19 7.33
CA HIS B 47 -5.74 5.32 6.72
C HIS B 47 -6.01 6.59 7.56
N VAL B 48 -7.27 6.79 7.99
CA VAL B 48 -7.59 7.94 8.86
C VAL B 48 -6.83 7.80 10.20
N ARG B 49 -6.73 6.57 10.70
CA ARG B 49 -5.99 6.25 11.93
C ARG B 49 -4.50 6.61 11.78
N THR B 50 -3.89 6.28 10.61
CA THR B 50 -2.48 6.65 10.30
C THR B 50 -2.34 8.18 10.37
N LEU B 51 -3.30 8.91 9.78
CA LEU B 51 -3.26 10.38 9.82
C LEU B 51 -3.40 10.90 11.27
N LYS B 52 -4.21 10.24 12.14
CA LYS B 52 -4.32 10.67 13.55
C LYS B 52 -3.02 10.41 14.31
N ILE B 53 -2.33 9.31 14.04
CA ILE B 53 -1.01 9.05 14.67
C ILE B 53 -0.03 10.19 14.27
N MET B 54 -0.03 10.58 13.00
CA MET B 54 0.82 11.68 12.53
C MET B 54 0.46 13.02 13.16
N THR B 55 -0.81 13.40 13.20
CA THR B 55 -1.19 14.72 13.75
C THR B 55 -1.11 14.75 15.27
N ARG B 56 -1.68 13.74 15.93
CA ARG B 56 -1.78 13.73 17.39
C ARG B 56 -0.63 13.15 18.14
N LEU B 57 -0.12 12.00 17.71
CA LEU B 57 0.95 11.35 18.46
C LEU B 57 2.30 12.00 18.17
N PHE B 58 2.64 12.14 16.88
CA PHE B 58 3.94 12.69 16.51
C PHE B 58 4.00 14.21 16.50
N ARG B 59 3.28 14.85 15.59
CA ARG B 59 3.33 16.31 15.42
C ARG B 59 3.07 17.08 16.73
N THR B 60 1.90 16.82 17.34
CA THR B 60 1.54 17.54 18.55
C THR B 60 2.48 17.19 19.69
N GLY B 61 2.89 15.93 19.80
CA GLY B 61 3.85 15.55 20.83
C GLY B 61 5.18 16.27 20.72
N MET B 62 5.68 16.47 19.49
CA MET B 62 6.95 17.19 19.26
C MET B 62 6.80 18.67 19.62
N LEU B 63 5.65 19.27 19.27
CA LEU B 63 5.38 20.68 19.61
C LEU B 63 5.27 20.89 21.10
N GLU B 64 4.67 19.93 21.81
CA GLU B 64 4.44 20.06 23.25
C GLU B 64 5.55 19.59 24.20
N GLU B 65 6.46 18.69 23.72
N GLU B 65 6.24 18.50 23.86
CA GLU B 65 7.59 18.16 24.51
CA GLU B 65 7.22 17.93 24.78
C GLU B 65 8.98 18.64 24.06
C GLU B 65 8.66 18.26 24.40
N LEU B 66 9.20 18.83 22.75
N LEU B 66 8.91 18.50 23.12
CA LEU B 66 10.53 19.16 22.24
CA LEU B 66 10.25 18.89 22.66
C LEU B 66 10.75 20.64 21.91
C LEU B 66 10.34 20.40 22.39
N HIS B 67 12.03 21.05 21.73
N HIS B 67 9.17 21.10 22.28
CA HIS B 67 12.37 22.43 21.39
CA HIS B 67 9.07 22.52 21.96
C HIS B 67 12.98 22.44 19.99
C HIS B 67 9.81 22.83 20.65
N LEU B 68 12.19 22.06 18.98
N LEU B 68 9.68 21.92 19.67
CA LEU B 68 12.68 22.05 17.61
CA LEU B 68 10.33 22.07 18.38
C LEU B 68 12.60 23.44 17.01
C LEU B 68 9.70 23.22 17.61
N GLU B 69 13.50 23.75 16.08
N GLU B 69 10.51 23.87 16.77
CA GLU B 69 13.51 25.05 15.40
CA GLU B 69 10.11 24.98 15.92
C GLU B 69 12.21 25.26 14.60
C GLU B 69 8.99 24.55 14.98
N PRO B 70 11.68 26.50 14.52
N PRO B 70 7.92 25.37 14.86
CA PRO B 70 10.43 26.72 13.76
CA PRO B 70 6.80 25.02 13.97
C PRO B 70 10.48 26.22 12.33
C PRO B 70 7.21 24.63 12.54
N GLY B 71 9.39 25.61 11.87
N GLY B 71 8.18 25.34 11.99
CA GLY B 71 9.32 25.06 10.53
CA GLY B 71 8.67 25.09 10.64
C GLY B 71 9.86 23.65 10.39
C GLY B 71 9.36 23.74 10.51
N VAL B 72 10.43 23.09 11.47
N VAL B 72 10.12 23.31 11.53
CA VAL B 72 10.94 21.73 11.46
CA VAL B 72 10.80 22.01 11.50
C VAL B 72 9.77 20.72 11.52
C VAL B 72 9.75 20.89 11.49
N VAL B 73 8.78 20.95 12.41
CA VAL B 73 7.65 20.01 12.52
C VAL B 73 6.80 19.97 11.24
N GLN B 74 6.59 21.15 10.60
CA GLN B 74 5.87 21.25 9.32
CA GLN B 74 5.86 21.23 9.34
C GLN B 74 6.61 20.47 8.23
N GLY B 75 7.95 20.51 8.26
CA GLY B 75 8.79 19.80 7.28
C GLY B 75 8.68 18.28 7.44
N LEU B 76 8.54 17.80 8.69
CA LEU B 76 8.42 16.37 8.96
C LEU B 76 7.02 15.88 8.55
N PHE B 77 5.97 16.69 8.78
CA PHE B 77 4.57 16.28 8.51
C PHE B 77 3.83 17.25 7.59
N PRO B 78 4.27 17.38 6.33
CA PRO B 78 3.61 18.36 5.43
C PRO B 78 2.14 17.99 5.17
N CYS B 79 1.21 19.00 5.14
CA CYS B 79 -0.20 18.82 4.76
C CYS B 79 -1.00 17.85 5.61
N VAL B 80 -0.52 17.41 6.79
CA VAL B 80 -1.25 16.40 7.56
CA VAL B 80 -1.24 16.39 7.54
C VAL B 80 -2.64 16.87 8.02
N ASP B 81 -2.81 18.17 8.37
CA ASP B 81 -4.15 18.62 8.78
C ASP B 81 -5.13 18.60 7.58
N GLU B 82 -4.64 18.99 6.40
CA GLU B 82 -5.47 19.01 5.19
CA GLU B 82 -5.50 18.99 5.22
C GLU B 82 -5.86 17.57 4.81
N LEU B 83 -4.88 16.64 4.85
CA LEU B 83 -5.14 15.24 4.51
C LEU B 83 -6.14 14.63 5.51
N SER B 84 -5.99 14.96 6.80
CA SER B 84 -6.89 14.45 7.83
C SER B 84 -8.32 14.94 7.55
N ASP B 85 -8.46 16.21 7.13
CA ASP B 85 -9.79 16.77 6.84
C ASP B 85 -10.45 16.06 5.64
N ILE B 86 -9.71 15.85 4.55
CA ILE B 86 -10.25 15.18 3.36
C ILE B 86 -10.74 13.75 3.71
N HIS B 87 -9.87 12.93 4.34
CA HIS B 87 -10.16 11.52 4.60
C HIS B 87 -11.15 11.32 5.74
N THR B 88 -11.11 12.17 6.77
CA THR B 88 -12.09 12.03 7.87
C THR B 88 -13.52 12.31 7.31
N ARG B 89 -13.66 13.30 6.40
CA ARG B 89 -14.93 13.58 5.78
C ARG B 89 -15.37 12.42 4.91
N PHE B 90 -14.46 11.86 4.11
CA PHE B 90 -14.79 10.76 3.23
C PHE B 90 -15.20 9.53 4.04
N LEU B 91 -14.43 9.23 5.11
CA LEU B 91 -14.73 8.10 6.01
C LEU B 91 -16.13 8.32 6.65
N SER B 92 -16.44 9.57 7.07
CA SER B 92 -17.76 9.86 7.65
CA SER B 92 -17.76 9.89 7.64
C SER B 92 -18.88 9.49 6.67
N GLN B 93 -18.72 9.84 5.38
CA GLN B 93 -19.71 9.48 4.36
C GLN B 93 -19.87 7.96 4.17
N LEU B 94 -18.75 7.23 4.12
CA LEU B 94 -18.78 5.76 3.96
C LEU B 94 -19.48 5.11 5.15
N LEU B 95 -19.14 5.55 6.38
CA LEU B 95 -19.72 4.97 7.59
C LEU B 95 -21.22 5.33 7.75
N GLU B 96 -21.64 6.52 7.27
CA GLU B 96 -23.07 6.90 7.34
C GLU B 96 -23.87 6.04 6.32
N ARG B 97 -23.29 5.71 5.16
CA ARG B 97 -23.96 4.87 4.16
C ARG B 97 -24.18 3.46 4.76
N ARG B 98 -23.16 2.93 5.47
CA ARG B 98 -23.28 1.63 6.14
C ARG B 98 -24.35 1.72 7.25
N ARG B 99 -24.27 2.75 8.10
CA ARG B 99 -25.22 2.90 9.20
CA ARG B 99 -25.21 2.94 9.21
C ARG B 99 -26.68 2.97 8.72
N GLN B 100 -26.96 3.78 7.68
CA GLN B 100 -28.32 3.86 7.12
C GLN B 100 -28.77 2.50 6.58
N ALA B 101 -27.84 1.65 6.11
CA ALA B 101 -28.21 0.35 5.55
C ALA B 101 -28.44 -0.76 6.62
N LEU B 102 -28.16 -0.49 7.91
CA LEU B 102 -28.31 -1.54 8.93
C LEU B 102 -29.78 -1.98 9.08
N CYS B 103 -30.01 -3.29 9.30
CA CYS B 103 -31.35 -3.75 9.61
C CYS B 103 -31.76 -3.23 10.98
N PRO B 104 -33.04 -2.86 11.17
CA PRO B 104 -33.52 -2.51 12.52
C PRO B 104 -33.27 -3.66 13.49
N GLY B 105 -32.80 -3.33 14.68
CA GLY B 105 -32.46 -4.33 15.69
C GLY B 105 -31.04 -4.87 15.54
N SER B 106 -30.29 -4.38 14.53
CA SER B 106 -28.93 -4.84 14.33
C SER B 106 -27.92 -3.72 14.27
N THR B 107 -26.72 -3.96 14.81
CA THR B 107 -25.62 -3.03 14.64
C THR B 107 -24.54 -3.62 13.71
N ARG B 108 -24.79 -4.79 13.06
CA ARG B 108 -23.79 -5.35 12.16
C ARG B 108 -24.31 -5.84 10.82
N ASN B 109 -25.62 -6.09 10.68
CA ASN B 109 -26.16 -6.62 9.43
C ASN B 109 -26.62 -5.50 8.48
N PHE B 110 -25.93 -5.40 7.33
CA PHE B 110 -26.22 -4.39 6.31
C PHE B 110 -25.76 -4.86 4.93
N VAL B 111 -26.30 -4.23 3.88
CA VAL B 111 -25.87 -4.42 2.50
C VAL B 111 -25.82 -3.01 1.87
N ILE B 112 -24.67 -2.62 1.29
CA ILE B 112 -24.54 -1.32 0.64
C ILE B 112 -24.73 -1.59 -0.85
N HIS B 113 -25.83 -1.11 -1.40
CA HIS B 113 -26.12 -1.30 -2.83
C HIS B 113 -25.70 -0.12 -3.70
N ARG B 114 -25.48 1.09 -3.14
N ARG B 114 -25.57 1.05 -3.11
CA ARG B 114 -25.23 2.30 -3.96
CA ARG B 114 -25.22 2.25 -3.80
C ARG B 114 -23.94 3.09 -3.71
C ARG B 114 -23.97 2.81 -3.17
N LEU B 115 -22.81 2.40 -3.68
N LEU B 115 -22.85 2.56 -3.83
CA LEU B 115 -21.53 3.05 -3.45
CA LEU B 115 -21.54 3.08 -3.45
C LEU B 115 -21.06 4.02 -4.56
C LEU B 115 -21.04 4.03 -4.56
N GLY B 116 -21.31 3.68 -5.82
CA GLY B 116 -20.86 4.46 -6.97
C GLY B 116 -21.06 5.96 -6.90
N ASP B 117 -22.26 6.40 -6.49
CA ASP B 117 -22.58 7.82 -6.40
CA ASP B 117 -22.58 7.81 -6.40
C ASP B 117 -21.70 8.52 -5.38
N LEU B 118 -21.40 7.86 -4.27
CA LEU B 118 -20.58 8.42 -3.20
C LEU B 118 -19.16 8.61 -3.75
N LEU B 119 -18.63 7.59 -4.47
CA LEU B 119 -17.26 7.67 -5.04
C LEU B 119 -17.18 8.78 -6.12
N ILE B 120 -18.22 8.92 -6.99
CA ILE B 120 -18.25 10.01 -7.99
C ILE B 120 -18.19 11.37 -7.28
N SER B 121 -18.97 11.54 -6.20
CA SER B 121 -18.97 12.81 -5.46
CA SER B 121 -18.98 12.80 -5.44
C SER B 121 -17.57 13.08 -4.86
N GLN B 122 -16.96 12.07 -4.21
CA GLN B 122 -15.63 12.26 -3.65
C GLN B 122 -14.55 12.62 -4.71
N PHE B 123 -14.59 11.97 -5.87
CA PHE B 123 -13.57 12.15 -6.88
C PHE B 123 -13.97 13.12 -8.02
N SER B 124 -14.88 14.07 -7.75
CA SER B 124 -15.24 15.12 -8.71
C SER B 124 -15.43 16.47 -7.97
N GLY B 125 -15.50 17.59 -8.70
CA GLY B 125 -15.71 18.90 -8.09
C GLY B 125 -14.65 19.38 -7.10
N PRO B 126 -15.03 20.31 -6.20
CA PRO B 126 -14.05 20.84 -5.24
C PRO B 126 -13.31 19.80 -4.40
N SER B 127 -13.98 18.70 -3.95
CA SER B 127 -13.25 17.71 -3.15
C SER B 127 -12.12 17.06 -3.98
N ALA B 128 -12.35 16.82 -5.28
CA ALA B 128 -11.30 16.24 -6.14
C ALA B 128 -10.14 17.25 -6.31
N GLU B 129 -10.46 18.55 -6.51
CA GLU B 129 -9.44 19.60 -6.66
C GLU B 129 -8.60 19.69 -5.38
N GLN B 130 -9.26 19.62 -4.22
CA GLN B 130 -8.52 19.67 -2.95
CA GLN B 130 -8.57 19.66 -2.93
C GLN B 130 -7.63 18.43 -2.79
N MET B 131 -8.13 17.23 -3.16
CA MET B 131 -7.32 15.99 -3.07
C MET B 131 -6.11 16.10 -3.99
N CYS B 132 -6.32 16.59 -5.23
CA CYS B 132 -5.22 16.73 -6.19
C CYS B 132 -4.14 17.72 -5.69
N LYS B 133 -4.58 18.88 -5.21
CA LYS B 133 -3.66 19.93 -4.72
C LYS B 133 -2.86 19.44 -3.50
N THR B 134 -3.55 18.77 -2.56
CA THR B 134 -2.93 18.30 -1.32
C THR B 134 -1.92 17.15 -1.55
N TYR B 135 -2.28 16.13 -2.38
CA TYR B 135 -1.34 15.04 -2.65
C TYR B 135 -0.19 15.51 -3.53
N SER B 136 -0.42 16.50 -4.45
CA SER B 136 0.71 16.98 -5.29
C SER B 136 1.76 17.67 -4.35
N GLU B 137 1.27 18.42 -3.33
CA GLU B 137 2.13 19.08 -2.37
CA GLU B 137 2.20 19.05 -2.38
C GLU B 137 2.81 18.01 -1.45
N PHE B 138 2.01 17.08 -0.88
CA PHE B 138 2.51 16.06 0.04
C PHE B 138 3.58 15.18 -0.63
N CYS B 139 3.26 14.62 -1.78
CA CYS B 139 4.16 13.72 -2.48
C CYS B 139 5.41 14.41 -2.99
N SER B 140 5.33 15.75 -3.31
CA SER B 140 6.54 16.49 -3.68
C SER B 140 7.46 16.79 -2.44
N ARG B 141 6.91 16.67 -1.21
CA ARG B 141 7.67 16.92 0.01
C ARG B 141 8.05 15.66 0.78
N HIS B 142 7.75 14.49 0.19
CA HIS B 142 7.95 13.19 0.81
C HIS B 142 9.44 12.93 1.08
N SER B 143 10.32 13.07 0.05
CA SER B 143 11.75 12.81 0.24
CA SER B 143 11.76 12.82 0.22
C SER B 143 12.37 13.75 1.26
N LYS B 144 11.96 15.04 1.26
CA LYS B 144 12.49 16.03 2.20
C LYS B 144 12.13 15.65 3.64
N ALA B 145 10.87 15.20 3.85
CA ALA B 145 10.40 14.82 5.19
C ALA B 145 11.23 13.65 5.75
N LEU B 146 11.51 12.63 4.91
CA LEU B 146 12.30 11.46 5.33
C LEU B 146 13.73 11.85 5.69
N LYS B 147 14.35 12.73 4.90
CA LYS B 147 15.73 13.17 5.16
C LYS B 147 15.80 14.02 6.41
N LEU B 148 14.79 14.88 6.63
CA LEU B 148 14.76 15.72 7.85
C LEU B 148 14.64 14.80 9.09
N TYR B 149 13.81 13.74 8.97
CA TYR B 149 13.59 12.80 10.06
C TYR B 149 14.93 12.12 10.43
N LYS B 150 15.62 11.58 9.41
CA LYS B 150 16.88 10.88 9.60
C LYS B 150 17.93 11.78 10.22
N GLU B 151 17.98 13.05 9.81
CA GLU B 151 18.94 14.00 10.34
CA GLU B 151 18.94 14.01 10.35
C GLU B 151 18.68 14.24 11.83
N LEU B 152 17.43 14.52 12.19
CA LEU B 152 17.05 14.79 13.58
C LEU B 152 17.30 13.59 14.47
N TYR B 153 16.92 12.37 14.01
CA TYR B 153 17.11 11.17 14.81
C TYR B 153 18.60 10.93 15.10
N ALA B 154 19.48 11.19 14.12
CA ALA B 154 20.90 10.91 14.28
C ALA B 154 21.64 11.90 15.17
N ARG B 155 21.19 13.15 15.19
CA ARG B 155 21.90 14.21 15.91
CA ARG B 155 21.86 14.27 15.87
C ARG B 155 21.21 14.75 17.18
N ASP B 156 19.91 14.49 17.39
CA ASP B 156 19.21 15.01 18.57
C ASP B 156 18.80 13.92 19.56
N LYS B 157 19.45 13.90 20.72
CA LYS B 157 19.18 12.94 21.78
C LYS B 157 17.72 12.99 22.27
N ARG B 158 17.18 14.19 22.54
CA ARG B 158 15.81 14.31 23.02
C ARG B 158 14.79 13.87 21.93
N PHE B 159 15.10 14.10 20.66
CA PHE B 159 14.24 13.67 19.55
C PHE B 159 14.21 12.14 19.49
N GLN B 160 15.39 11.53 19.61
CA GLN B 160 15.52 10.08 19.57
C GLN B 160 14.76 9.44 20.74
N GLN B 161 14.88 10.00 21.96
CA GLN B 161 14.16 9.48 23.14
C GLN B 161 12.63 9.57 22.95
N PHE B 162 12.17 10.71 22.38
CA PHE B 162 10.73 10.94 22.10
C PHE B 162 10.22 9.88 21.13
N ILE B 163 10.92 9.69 20.00
CA ILE B 163 10.51 8.71 18.98
C ILE B 163 10.47 7.30 19.56
N ARG B 164 11.54 6.89 20.25
CA ARG B 164 11.61 5.56 20.84
C ARG B 164 10.49 5.36 21.89
N LYS B 165 10.14 6.40 22.62
CA LYS B 165 9.09 6.35 23.62
C LYS B 165 7.68 6.12 23.00
N VAL B 166 7.28 6.96 22.04
CA VAL B 166 5.93 6.89 21.50
C VAL B 166 5.75 5.76 20.49
N THR B 167 6.83 5.21 19.91
CA THR B 167 6.73 4.08 18.99
C THR B 167 7.00 2.72 19.64
N ARG B 168 7.28 2.69 20.96
CA ARG B 168 7.54 1.43 21.67
C ARG B 168 6.32 0.48 21.76
N PRO B 169 5.07 0.97 21.97
CA PRO B 169 3.95 0.03 22.06
C PRO B 169 3.77 -0.83 20.80
N ALA B 170 3.41 -2.11 20.99
CA ALA B 170 3.22 -3.04 19.88
C ALA B 170 2.17 -2.54 18.85
N VAL B 171 1.14 -1.78 19.27
CA VAL B 171 0.13 -1.26 18.31
C VAL B 171 0.75 -0.24 17.33
N LEU B 172 1.97 0.29 17.61
CA LEU B 172 2.69 1.23 16.71
C LEU B 172 3.75 0.51 15.83
N LYS B 173 3.82 -0.82 15.90
CA LYS B 173 4.82 -1.61 15.17
C LYS B 173 5.00 -1.23 13.70
N ARG B 174 3.90 -1.00 12.98
CA ARG B 174 3.93 -0.66 11.53
C ARG B 174 3.89 0.85 11.28
N HIS B 175 3.92 1.69 12.33
CA HIS B 175 3.63 3.10 12.20
C HIS B 175 4.69 4.06 12.75
N GLY B 176 5.96 3.78 12.46
CA GLY B 176 6.99 4.78 12.74
C GLY B 176 6.80 5.96 11.77
N VAL B 177 7.57 7.04 11.95
CA VAL B 177 7.41 8.24 11.11
C VAL B 177 7.52 7.95 9.60
N GLN B 178 8.58 7.27 9.19
CA GLN B 178 8.81 7.03 7.75
C GLN B 178 7.72 6.10 7.17
N GLU B 179 7.27 5.14 7.97
CA GLU B 179 6.25 4.17 7.57
C GLU B 179 4.92 4.93 7.38
N CYS B 180 4.56 5.90 8.28
CA CYS B 180 3.32 6.66 8.08
C CYS B 180 3.37 7.44 6.76
N ILE B 181 4.50 8.11 6.48
CA ILE B 181 4.62 8.92 5.26
C ILE B 181 4.41 8.04 4.01
N LEU B 182 5.05 6.84 3.97
CA LEU B 182 4.85 5.96 2.81
C LEU B 182 3.42 5.39 2.75
N LEU B 183 2.84 5.04 3.91
CA LEU B 183 1.43 4.58 3.94
C LEU B 183 0.46 5.63 3.31
N VAL B 184 0.72 6.92 3.60
CA VAL B 184 -0.14 8.00 3.07
C VAL B 184 0.09 8.14 1.57
N THR B 185 1.36 8.19 1.13
CA THR B 185 1.66 8.29 -0.30
C THR B 185 1.04 7.13 -1.11
N GLN B 186 1.07 5.92 -0.52
CA GLN B 186 0.55 4.75 -1.25
C GLN B 186 -0.96 4.63 -1.24
N ARG B 187 -1.64 5.36 -0.33
CA ARG B 187 -3.10 5.22 -0.22
C ARG B 187 -3.83 5.50 -1.54
N ILE B 188 -3.50 6.61 -2.18
CA ILE B 188 -4.23 7.01 -3.37
C ILE B 188 -4.17 6.00 -4.52
N THR B 189 -3.06 5.25 -4.66
CA THR B 189 -2.96 4.24 -5.73
C THR B 189 -3.66 2.92 -5.36
N LYS B 190 -4.19 2.77 -4.12
CA LYS B 190 -4.96 1.56 -3.78
C LYS B 190 -6.42 1.67 -4.32
N TYR B 191 -6.94 2.90 -4.49
CA TYR B 191 -8.35 3.10 -4.87
C TYR B 191 -8.76 2.41 -6.17
N PRO B 192 -7.98 2.52 -7.29
CA PRO B 192 -8.44 1.87 -8.53
C PRO B 192 -8.55 0.36 -8.40
N LEU B 193 -7.67 -0.27 -7.61
CA LEU B 193 -7.66 -1.73 -7.39
CA LEU B 193 -7.73 -1.73 -7.48
C LEU B 193 -8.98 -2.13 -6.68
N LEU B 194 -9.30 -1.41 -5.61
CA LEU B 194 -10.49 -1.68 -4.82
C LEU B 194 -11.76 -1.43 -5.67
N ILE B 195 -11.82 -0.28 -6.38
CA ILE B 195 -12.97 0.07 -7.20
C ILE B 195 -13.19 -0.94 -8.34
N SER B 196 -12.10 -1.35 -9.04
CA SER B 196 -12.24 -2.32 -10.13
CA SER B 196 -12.28 -2.32 -10.14
CA SER B 196 -12.26 -2.33 -10.13
C SER B 196 -12.82 -3.65 -9.62
N ARG B 197 -12.38 -4.11 -8.43
CA ARG B 197 -12.88 -5.39 -7.91
C ARG B 197 -14.35 -5.23 -7.44
N ILE B 198 -14.74 -4.07 -6.89
CA ILE B 198 -16.16 -3.86 -6.52
C ILE B 198 -17.01 -3.88 -7.82
N LEU B 199 -16.51 -3.21 -8.86
CA LEU B 199 -17.20 -3.14 -10.14
C LEU B 199 -17.39 -4.55 -10.74
N GLN B 200 -16.40 -5.41 -10.63
CA GLN B 200 -16.48 -6.79 -11.11
C GLN B 200 -17.71 -7.54 -10.55
N HIS B 201 -18.14 -7.19 -9.34
CA HIS B 201 -19.26 -7.84 -8.70
C HIS B 201 -20.51 -6.92 -8.59
N SER B 202 -20.60 -5.87 -9.43
CA SER B 202 -21.73 -4.92 -9.34
C SER B 202 -22.49 -4.81 -10.66
N HIS B 203 -22.59 -5.91 -11.42
CA HIS B 203 -23.30 -5.89 -12.70
C HIS B 203 -24.82 -6.06 -12.57
N GLY B 204 -25.31 -6.57 -11.43
CA GLY B 204 -26.71 -6.82 -11.19
C GLY B 204 -27.62 -5.62 -11.43
N ILE B 205 -27.13 -4.40 -11.11
CA ILE B 205 -27.88 -3.17 -11.32
CA ILE B 205 -27.89 -3.18 -11.32
C ILE B 205 -27.09 -2.32 -12.31
N GLU B 206 -27.65 -2.11 -13.51
CA GLU B 206 -26.95 -1.35 -14.55
C GLU B 206 -26.56 0.05 -14.09
N GLU B 207 -27.45 0.81 -13.40
CA GLU B 207 -27.05 2.13 -12.92
C GLU B 207 -25.81 2.09 -11.97
N GLU B 208 -25.68 1.01 -11.17
CA GLU B 208 -24.52 0.88 -10.25
C GLU B 208 -23.24 0.58 -11.02
N ARG B 209 -23.32 -0.35 -12.01
CA ARG B 209 -22.18 -0.65 -12.86
C ARG B 209 -21.69 0.64 -13.58
N GLN B 210 -22.64 1.44 -14.11
CA GLN B 210 -22.26 2.69 -14.79
C GLN B 210 -21.61 3.69 -13.80
N ASP B 211 -22.20 3.84 -12.62
CA ASP B 211 -21.64 4.76 -11.61
C ASP B 211 -20.23 4.38 -11.18
N LEU B 212 -19.97 3.09 -10.95
CA LEU B 212 -18.64 2.63 -10.55
C LEU B 212 -17.65 2.80 -11.71
N THR B 213 -18.12 2.60 -12.97
CA THR B 213 -17.27 2.81 -14.14
C THR B 213 -16.86 4.29 -14.22
N THR B 214 -17.83 5.20 -13.97
CA THR B 214 -17.53 6.63 -13.95
C THR B 214 -16.54 6.95 -12.81
N ALA B 215 -16.76 6.39 -11.60
CA ALA B 215 -15.89 6.66 -10.45
C ALA B 215 -14.47 6.21 -10.73
N LEU B 216 -14.32 5.02 -11.36
CA LEU B 216 -12.98 4.48 -11.67
C LEU B 216 -12.23 5.43 -12.60
N GLY B 217 -12.93 5.94 -13.62
CA GLY B 217 -12.38 6.94 -14.53
C GLY B 217 -11.93 8.20 -13.82
N LEU B 218 -12.75 8.73 -12.88
CA LEU B 218 -12.36 9.94 -12.13
C LEU B 218 -11.12 9.72 -11.24
N VAL B 219 -11.03 8.57 -10.55
CA VAL B 219 -9.89 8.28 -9.68
C VAL B 219 -8.61 8.21 -10.55
N LYS B 220 -8.70 7.56 -11.72
CA LYS B 220 -7.53 7.48 -12.62
C LYS B 220 -7.11 8.87 -13.13
N GLU B 221 -8.08 9.76 -13.42
CA GLU B 221 -7.74 11.12 -13.89
CA GLU B 221 -7.75 11.12 -13.88
C GLU B 221 -7.05 11.89 -12.75
N LEU B 222 -7.51 11.72 -11.51
CA LEU B 222 -6.92 12.38 -10.34
C LEU B 222 -5.45 11.87 -10.19
N LEU B 223 -5.25 10.54 -10.21
CA LEU B 223 -3.91 9.97 -10.08
C LEU B 223 -2.93 10.50 -11.17
N SER B 224 -3.39 10.58 -12.44
CA SER B 224 -2.55 11.08 -13.52
CA SER B 224 -2.58 11.08 -13.53
C SER B 224 -2.18 12.55 -13.26
N ASN B 225 -3.14 13.37 -12.78
CA ASN B 225 -2.88 14.79 -12.49
C ASN B 225 -1.86 14.92 -11.34
N VAL B 226 -2.04 14.13 -10.27
CA VAL B 226 -1.10 14.16 -9.16
C VAL B 226 0.32 13.76 -9.63
N ASP B 227 0.43 12.63 -10.36
CA ASP B 227 1.70 12.11 -10.85
C ASP B 227 2.42 13.15 -11.72
N GLU B 228 1.64 13.91 -12.55
CA GLU B 228 2.22 14.93 -13.41
C GLU B 228 2.63 16.22 -12.63
N GLY B 229 2.11 16.40 -11.43
CA GLY B 229 2.36 17.59 -10.61
C GLY B 229 3.41 17.40 -9.53
N ILE B 230 4.17 16.30 -9.57
CA ILE B 230 5.16 16.01 -8.55
C ILE B 230 6.59 16.33 -9.04
N TYR B 231 7.38 16.98 -8.19
CA TYR B 231 8.81 17.24 -8.42
C TYR B 231 9.39 17.28 -7.01
N GLN B 232 10.32 16.38 -6.64
CA GLN B 232 10.81 16.31 -5.28
C GLN B 232 11.56 17.54 -4.83
N LEU B 233 11.14 18.13 -3.72
CA LEU B 233 11.85 19.24 -3.12
C LEU B 233 13.05 18.66 -2.36
N GLU B 234 14.12 19.43 -2.32
CA GLU B 234 15.34 19.00 -1.62
C GLU B 234 15.91 20.18 -0.87
N LYS B 235 16.12 20.03 0.43
CA LYS B 235 16.68 21.12 1.24
C LYS B 235 18.06 21.53 0.71
N GLY B 236 18.27 22.83 0.48
CA GLY B 236 19.55 23.30 -0.02
C GLY B 236 19.79 23.07 -1.50
N ALA B 237 18.72 22.71 -2.26
CA ALA B 237 18.87 22.56 -3.72
C ALA B 237 19.03 23.98 -4.29
N ARG B 238 19.93 24.13 -5.24
CA ARG B 238 20.19 25.42 -5.84
C ARG B 238 19.27 25.60 -7.03
N LEU B 239 18.91 26.86 -7.33
CA LEU B 239 18.05 27.19 -8.47
CA LEU B 239 18.05 27.16 -8.47
C LEU B 239 18.58 26.56 -9.78
N GLN B 240 19.92 26.57 -9.96
CA GLN B 240 20.53 25.99 -11.17
C GLN B 240 20.20 24.50 -11.33
N GLU B 241 20.22 23.72 -10.24
CA GLU B 241 19.83 22.30 -10.31
C GLU B 241 18.33 22.18 -10.65
N ILE B 242 17.50 23.14 -10.20
CA ILE B 242 16.07 23.11 -10.47
C ILE B 242 15.78 23.43 -11.93
N TYR B 243 16.28 24.57 -12.47
CA TYR B 243 15.97 24.90 -13.86
C TYR B 243 16.71 24.01 -14.86
N ASN B 244 17.74 23.23 -14.43
CA ASN B 244 18.37 22.25 -15.32
C ASN B 244 17.75 20.85 -15.13
N ARG B 245 16.52 20.75 -14.53
CA ARG B 245 15.82 19.50 -14.27
C ARG B 245 15.72 18.64 -15.54
#